data_7UF5
#
_entry.id   7UF5
#
_cell.length_a   60.912
_cell.length_b   78.990
_cell.length_c   90.367
_cell.angle_alpha   90.000
_cell.angle_beta   90.000
_cell.angle_gamma   90.000
#
_symmetry.space_group_name_H-M   'C 2 2 21'
#
loop_
_entity.id
_entity.type
_entity.pdbx_description
1 polymer '3,4-dihydroxy-2-butanone 4-phosphate synthase'
2 non-polymer '(2R)-2-(dihydroxymethyl)-2-hydroxy-3-oxobutyl dihydrogen phosphate'
3 non-polymer '(2R)-2-hydroxy-3-oxobutyl dihydrogen phosphate'
4 non-polymer 'FORMIC ACID'
5 non-polymer 'MANGANESE (II) ION'
6 water water
#
_entity_poly.entity_id   1
_entity_poly.type   'polypeptide(L)'
_entity_poly.pdbx_seq_one_letter_code
;MNQSSLLAEFGDPITRVENALQALREGRGVLLLDDEDRENEGDIIYAVESLTTAQMALMIRECSGIVCLCLTEAQADRLA
LPPMVVNNNSANQTAFTVSIEAKHGVTTGVSAQDRVTTIKTAANPQAKPEDLARPGHVFPLRARAGGVLARRGHTEGTVD
LMQMAGLQPAGVLCELTNPDGSMAKTPEIIEFGKLHNMPVLTIEDMVQYRIQFDLKLA
;
_entity_poly.pdbx_strand_id   A
#
loop_
_chem_comp.id
_chem_comp.type
_chem_comp.name
_chem_comp.formula
FMT non-polymer 'FORMIC ACID' 'C H2 O2'
MN non-polymer 'MANGANESE (II) ION' 'Mn 2'
N4O non-polymer '(2R)-2-hydroxy-3-oxobutyl dihydrogen phosphate' 'C4 H9 O6 P'
N52 non-polymer '(2R)-2-(dihydroxymethyl)-2-hydroxy-3-oxobutyl dihydrogen phosphate' 'C5 H11 O8 P'
#
# COMPACT_ATOMS: atom_id res chain seq x y z
N ASN A 2 2.89 23.51 -10.82
CA ASN A 2 3.63 22.23 -10.86
C ASN A 2 3.21 21.35 -9.68
N GLN A 3 3.67 20.08 -9.63
CA GLN A 3 3.27 19.11 -8.56
C GLN A 3 3.66 19.67 -7.19
N SER A 4 4.89 20.18 -7.03
CA SER A 4 5.38 20.68 -5.72
C SER A 4 4.45 21.80 -5.24
N SER A 5 4.02 22.68 -6.13
CA SER A 5 3.12 23.82 -5.81
C SER A 5 1.78 23.26 -5.36
N LEU A 6 1.27 22.24 -6.07
CA LEU A 6 -0.05 21.65 -5.76
C LEU A 6 0.02 20.96 -4.40
N LEU A 7 1.15 20.33 -4.06
CA LEU A 7 1.29 19.55 -2.80
C LEU A 7 1.80 20.44 -1.66
N ALA A 8 2.14 21.70 -1.91
CA ALA A 8 2.64 22.65 -0.89
C ALA A 8 1.57 22.85 0.18
N GLU A 9 0.28 22.75 -0.17
CA GLU A 9 -0.84 22.88 0.82
C GLU A 9 -0.83 21.69 1.79
N PHE A 10 -0.20 20.55 1.44
CA PHE A 10 -0.05 19.38 2.34
C PHE A 10 1.18 19.62 3.22
N GLY A 11 1.99 20.63 2.91
CA GLY A 11 3.19 21.02 3.70
C GLY A 11 4.44 20.83 2.88
N ASP A 12 5.62 20.97 3.50
CA ASP A 12 6.92 20.75 2.83
C ASP A 12 7.15 19.23 2.80
N PRO A 13 8.09 18.69 2.00
CA PRO A 13 8.26 17.24 1.91
C PRO A 13 8.35 16.51 3.27
N ILE A 14 9.06 17.05 4.25
CA ILE A 14 9.28 16.37 5.57
C ILE A 14 7.92 16.30 6.29
N THR A 15 7.13 17.36 6.25
CA THR A 15 5.80 17.45 6.91
C THR A 15 4.84 16.47 6.21
N ARG A 16 4.97 16.34 4.89
CA ARG A 16 4.08 15.43 4.11
C ARG A 16 4.36 13.99 4.59
N VAL A 17 5.63 13.62 4.80
CA VAL A 17 6.00 12.26 5.31
C VAL A 17 5.49 12.13 6.75
N GLU A 18 5.75 13.12 7.60
CA GLU A 18 5.40 13.04 9.06
C GLU A 18 3.88 12.91 9.21
N ASN A 19 3.11 13.67 8.44
CA ASN A 19 1.63 13.65 8.54
C ASN A 19 1.11 12.28 8.06
N ALA A 20 1.70 11.70 7.03
CA ALA A 20 1.29 10.39 6.48
C ALA A 20 1.57 9.32 7.53
N LEU A 21 2.74 9.36 8.16
CA LEU A 21 3.14 8.33 9.17
C LEU A 21 2.15 8.39 10.33
N GLN A 22 1.78 9.59 10.78
CA GLN A 22 0.85 9.77 11.92
C GLN A 22 -0.53 9.26 11.51
N ALA A 23 -0.98 9.55 10.29
CA ALA A 23 -2.27 9.04 9.78
C ALA A 23 -2.28 7.50 9.90
N LEU A 24 -1.19 6.83 9.51
CA LEU A 24 -1.09 5.34 9.59
C LEU A 24 -1.08 4.90 11.06
N ARG A 25 -0.36 5.59 11.95
CA ARG A 25 -0.32 5.27 13.40
C ARG A 25 -1.74 5.42 13.96
N GLU A 26 -2.55 6.33 13.40
CA GLU A 26 -3.96 6.57 13.83
C GLU A 26 -4.90 5.57 13.13
N GLY A 27 -4.38 4.64 12.33
CA GLY A 27 -5.18 3.59 11.65
C GLY A 27 -5.91 4.15 10.43
N ARG A 28 -5.43 5.27 9.89
CA ARG A 28 -6.06 5.94 8.73
C ARG A 28 -5.22 5.68 7.47
N GLY A 29 -5.81 5.91 6.29
CA GLY A 29 -5.10 5.71 5.01
C GLY A 29 -4.35 6.94 4.54
N VAL A 30 -3.43 6.78 3.59
CA VAL A 30 -2.64 7.88 2.98
C VAL A 30 -2.66 7.68 1.46
N LEU A 31 -2.33 8.70 0.68
CA LEU A 31 -2.27 8.62 -0.81
C LEU A 31 -0.81 8.83 -1.22
N LEU A 32 -0.18 7.84 -1.83
CA LEU A 32 1.24 7.91 -2.25
C LEU A 32 1.32 8.10 -3.77
N LEU A 33 1.92 9.19 -4.24
CA LEU A 33 2.17 9.47 -5.67
C LEU A 33 3.56 8.93 -5.98
N ASP A 34 3.79 8.30 -7.12
CA ASP A 34 5.16 7.87 -7.54
C ASP A 34 5.69 8.99 -8.46
N ASP A 35 6.85 8.77 -9.09
CA ASP A 35 7.47 9.78 -9.96
C ASP A 35 6.52 10.07 -11.14
N GLU A 36 6.49 11.32 -11.63
CA GLU A 36 5.64 11.73 -12.77
C GLU A 36 6.20 11.10 -14.06
N ASP A 37 7.48 10.74 -14.08
CA ASP A 37 8.16 10.09 -15.25
C ASP A 37 8.06 8.56 -15.13
N ARG A 38 7.48 8.05 -14.03
CA ARG A 38 7.25 6.60 -13.83
C ARG A 38 5.79 6.32 -14.25
N GLU A 39 4.88 6.03 -13.31
CA GLU A 39 3.44 5.76 -13.60
C GLU A 39 2.62 7.05 -13.43
N ASN A 40 3.14 8.04 -12.72
CA ASN A 40 2.37 9.27 -12.41
C ASN A 40 1.00 8.82 -11.87
N GLU A 41 0.98 7.88 -10.94
CA GLU A 41 -0.25 7.29 -10.38
C GLU A 41 -0.27 7.49 -8.85
N GLY A 42 -1.45 7.64 -8.26
CA GLY A 42 -1.62 7.77 -6.81
C GLY A 42 -2.27 6.52 -6.26
N ASP A 43 -1.79 5.98 -5.16
CA ASP A 43 -2.31 4.74 -4.55
C ASP A 43 -2.89 5.02 -3.16
N ILE A 44 -4.04 4.47 -2.83
CA ILE A 44 -4.56 4.50 -1.43
C ILE A 44 -3.69 3.47 -0.71
N ILE A 45 -3.11 3.79 0.43
CA ILE A 45 -2.26 2.88 1.25
C ILE A 45 -2.91 2.75 2.63
N TYR A 46 -3.05 1.54 3.19
CA TYR A 46 -3.55 1.28 4.55
C TYR A 46 -2.63 0.29 5.25
N ALA A 47 -2.41 0.44 6.54
CA ALA A 47 -1.69 -0.57 7.36
C ALA A 47 -2.62 -1.78 7.47
N VAL A 48 -2.09 -3.00 7.41
CA VAL A 48 -2.89 -4.25 7.55
C VAL A 48 -3.35 -4.36 9.01
N GLU A 49 -2.51 -3.96 9.96
CA GLU A 49 -2.78 -4.05 11.43
C GLU A 49 -4.12 -3.40 11.77
N SER A 50 -4.48 -2.29 11.13
CA SER A 50 -5.71 -1.50 11.39
C SER A 50 -6.73 -1.69 10.28
N LEU A 51 -6.52 -2.59 9.33
CA LEU A 51 -7.40 -2.73 8.12
C LEU A 51 -8.83 -3.10 8.53
N THR A 52 -9.83 -2.42 7.98
CA THR A 52 -11.28 -2.68 8.23
C THR A 52 -11.99 -3.02 6.92
N THR A 53 -13.18 -3.62 6.99
CA THR A 53 -13.99 -3.95 5.79
C THR A 53 -14.36 -2.64 5.08
N ALA A 54 -14.62 -1.57 5.84
CA ALA A 54 -15.00 -0.23 5.29
C ALA A 54 -13.83 0.35 4.47
N GLN A 55 -12.62 0.29 5.00
CA GLN A 55 -11.41 0.78 4.28
C GLN A 55 -11.24 -0.04 2.98
N MET A 56 -11.40 -1.36 3.04
CA MET A 56 -11.27 -2.27 1.86
C MET A 56 -12.36 -1.91 0.84
N ALA A 57 -13.58 -1.65 1.30
CA ALA A 57 -14.74 -1.31 0.43
C ALA A 57 -14.48 0.02 -0.28
N LEU A 58 -13.90 1.01 0.42
CA LEU A 58 -13.57 2.32 -0.21
C LEU A 58 -12.53 2.06 -1.30
N MET A 59 -11.51 1.26 -0.99
CA MET A 59 -10.42 0.93 -1.94
C MET A 59 -11.04 0.28 -3.19
N ILE A 60 -11.92 -0.71 -3.03
CA ILE A 60 -12.54 -1.44 -4.17
C ILE A 60 -13.41 -0.43 -4.97
N ARG A 61 -14.19 0.40 -4.28
CA ARG A 61 -15.14 1.35 -4.93
C ARG A 61 -14.39 2.50 -5.64
N GLU A 62 -13.27 2.97 -5.13
CA GLU A 62 -12.59 4.20 -5.63
C GLU A 62 -11.28 3.89 -6.37
N CYS A 63 -10.80 2.65 -6.38
CA CYS A 63 -9.52 2.24 -7.01
C CYS A 63 -9.73 1.15 -8.07
N SER A 64 -8.65 0.64 -8.66
CA SER A 64 -8.67 -0.38 -9.76
C SER A 64 -9.44 -1.64 -9.35
N GLY A 65 -9.46 -1.96 -8.05
CA GLY A 65 -10.07 -3.22 -7.57
C GLY A 65 -9.01 -4.31 -7.50
N ILE A 66 -7.83 -4.09 -8.07
CA ILE A 66 -6.70 -5.05 -8.00
C ILE A 66 -5.94 -4.64 -6.73
N VAL A 67 -6.49 -4.97 -5.56
CA VAL A 67 -5.92 -4.59 -4.24
C VAL A 67 -4.71 -5.48 -3.97
N CYS A 68 -3.53 -4.91 -3.81
CA CYS A 68 -2.27 -5.66 -3.62
C CYS A 68 -1.87 -5.66 -2.14
N LEU A 69 -1.28 -6.75 -1.64
CA LEU A 69 -0.78 -6.88 -0.26
C LEU A 69 0.74 -6.77 -0.32
N CYS A 70 1.28 -5.65 0.12
N CYS A 70 1.29 -5.64 0.12
CA CYS A 70 2.75 -5.44 0.11
CA CYS A 70 2.77 -5.43 0.11
C CYS A 70 3.40 -6.16 1.30
C CYS A 70 3.40 -6.15 1.30
N LEU A 71 4.24 -7.16 1.03
CA LEU A 71 4.90 -7.95 2.11
C LEU A 71 6.41 -7.82 2.03
N THR A 72 7.12 -8.10 3.11
CA THR A 72 8.59 -8.20 3.11
C THR A 72 8.94 -9.48 2.35
N GLU A 73 10.17 -9.61 1.85
CA GLU A 73 10.62 -10.85 1.15
C GLU A 73 10.56 -11.99 2.18
N ALA A 74 10.85 -11.71 3.44
CA ALA A 74 10.82 -12.71 4.52
C ALA A 74 9.40 -13.26 4.69
N GLN A 75 8.37 -12.41 4.75
CA GLN A 75 6.96 -12.85 4.95
C GLN A 75 6.53 -13.64 3.72
N ALA A 76 6.91 -13.18 2.53
CA ALA A 76 6.58 -13.86 1.26
C ALA A 76 7.20 -15.26 1.26
N ASP A 77 8.44 -15.41 1.75
CA ASP A 77 9.15 -16.72 1.84
C ASP A 77 8.44 -17.61 2.89
N ARG A 78 8.01 -17.04 4.01
CA ARG A 78 7.29 -17.78 5.08
C ARG A 78 6.02 -18.39 4.47
N LEU A 79 5.35 -17.70 3.55
CA LEU A 79 4.08 -18.15 2.92
C LEU A 79 4.38 -18.98 1.67
N ALA A 80 5.64 -19.21 1.35
CA ALA A 80 6.05 -20.02 0.16
C ALA A 80 5.40 -19.40 -1.07
N LEU A 81 5.55 -18.08 -1.26
CA LEU A 81 4.89 -17.35 -2.39
C LEU A 81 5.93 -17.16 -3.50
N PRO A 82 5.88 -17.91 -4.62
CA PRO A 82 6.82 -17.73 -5.70
C PRO A 82 6.36 -16.59 -6.60
N PRO A 83 7.23 -15.95 -7.43
CA PRO A 83 6.76 -14.94 -8.39
C PRO A 83 5.73 -15.57 -9.32
N MET A 84 4.70 -14.83 -9.74
CA MET A 84 3.59 -15.37 -10.59
C MET A 84 4.20 -15.91 -11.89
N VAL A 85 5.21 -15.23 -12.45
CA VAL A 85 5.86 -15.60 -13.75
C VAL A 85 7.38 -15.56 -13.60
N VAL A 86 8.10 -16.54 -14.14
CA VAL A 86 9.59 -16.59 -14.10
C VAL A 86 10.13 -15.46 -14.99
N ALA A 95 6.17 -7.01 -9.16
CA ALA A 95 6.63 -8.26 -8.48
C ALA A 95 5.41 -9.06 -8.00
N PHE A 96 4.44 -9.30 -8.89
CA PHE A 96 3.20 -10.06 -8.56
C PHE A 96 3.56 -11.50 -8.23
N THR A 97 3.14 -12.00 -7.07
CA THR A 97 3.28 -13.42 -6.69
C THR A 97 2.03 -14.12 -7.17
N VAL A 98 1.92 -15.43 -7.00
CA VAL A 98 0.64 -16.12 -7.31
C VAL A 98 -0.40 -15.45 -6.40
N SER A 99 -1.62 -15.26 -6.87
CA SER A 99 -2.73 -14.67 -6.08
C SER A 99 -3.06 -15.59 -4.90
N ILE A 100 -3.71 -15.10 -3.85
CA ILE A 100 -3.97 -15.87 -2.60
C ILE A 100 -5.39 -15.68 -2.06
N GLU A 101 -5.94 -16.66 -1.33
CA GLU A 101 -7.24 -16.60 -0.62
C GLU A 101 -7.00 -17.23 0.75
N ALA A 102 -7.68 -16.80 1.79
CA ALA A 102 -7.62 -17.50 3.09
C ALA A 102 -8.21 -18.89 2.82
N LYS A 103 -7.62 -19.95 3.36
CA LYS A 103 -8.17 -21.33 3.21
C LYS A 103 -9.42 -21.43 4.09
N HIS A 104 -9.49 -20.69 5.20
CA HIS A 104 -10.62 -20.71 6.15
C HIS A 104 -11.11 -19.28 6.45
N GLY A 105 -12.40 -19.09 6.72
CA GLY A 105 -12.95 -17.78 7.14
C GLY A 105 -13.53 -16.97 5.99
N VAL A 106 -13.56 -17.52 4.78
CA VAL A 106 -14.01 -16.79 3.57
C VAL A 106 -14.95 -17.68 2.74
N THR A 107 -15.70 -17.12 1.80
CA THR A 107 -16.62 -17.87 0.90
C THR A 107 -16.03 -17.81 -0.53
N THR A 108 -16.33 -16.77 -1.31
CA THR A 108 -15.88 -16.62 -2.73
C THR A 108 -14.55 -15.86 -2.76
N GLY A 109 -14.24 -15.05 -1.74
CA GLY A 109 -12.93 -14.35 -1.63
C GLY A 109 -12.95 -12.91 -2.10
N VAL A 110 -13.96 -12.45 -2.86
CA VAL A 110 -13.97 -11.10 -3.50
C VAL A 110 -14.58 -10.03 -2.56
N SER A 111 -15.45 -10.42 -1.63
CA SER A 111 -16.09 -9.48 -0.67
C SER A 111 -15.00 -8.68 0.03
N ALA A 112 -15.28 -7.44 0.40
CA ALA A 112 -14.31 -6.60 1.14
C ALA A 112 -13.84 -7.39 2.38
N GLN A 113 -14.76 -8.04 3.09
CA GLN A 113 -14.46 -8.78 4.35
C GLN A 113 -13.51 -9.94 4.04
N ASP A 114 -13.77 -10.70 2.97
CA ASP A 114 -12.93 -11.87 2.60
C ASP A 114 -11.53 -11.38 2.24
N ARG A 115 -11.42 -10.25 1.56
CA ARG A 115 -10.09 -9.75 1.12
C ARG A 115 -9.31 -9.39 2.38
N VAL A 116 -9.95 -8.79 3.38
CA VAL A 116 -9.30 -8.39 4.66
C VAL A 116 -8.90 -9.68 5.41
N THR A 117 -9.78 -10.69 5.45
CA THR A 117 -9.52 -11.98 6.14
C THR A 117 -8.27 -12.60 5.50
N THR A 118 -8.18 -12.58 4.17
CA THR A 118 -7.03 -13.14 3.41
C THR A 118 -5.78 -12.31 3.72
N ILE A 119 -5.90 -10.98 3.72
CA ILE A 119 -4.76 -10.06 3.97
C ILE A 119 -4.22 -10.29 5.39
N LYS A 120 -5.07 -10.38 6.41
CA LYS A 120 -4.66 -10.55 7.83
C LYS A 120 -4.02 -11.93 7.99
N THR A 121 -4.58 -12.95 7.34
CA THR A 121 -4.05 -14.33 7.39
C THR A 121 -2.63 -14.30 6.80
N ALA A 122 -2.44 -13.66 5.65
CA ALA A 122 -1.14 -13.61 4.95
C ALA A 122 -0.10 -12.80 5.76
N ALA A 123 -0.47 -11.66 6.33
CA ALA A 123 0.46 -10.75 7.04
C ALA A 123 0.78 -11.25 8.46
N ASN A 124 0.02 -12.22 8.98
CA ASN A 124 0.23 -12.78 10.34
C ASN A 124 1.72 -13.18 10.42
N PRO A 125 2.54 -12.62 11.34
CA PRO A 125 3.94 -13.02 11.48
C PRO A 125 4.12 -14.52 11.76
N GLN A 126 3.08 -15.21 12.25
CA GLN A 126 3.11 -16.66 12.61
C GLN A 126 2.41 -17.47 11.50
N ALA A 127 2.15 -16.86 10.36
CA ALA A 127 1.41 -17.52 9.26
C ALA A 127 2.21 -18.72 8.71
N LYS A 128 1.54 -19.68 8.09
CA LYS A 128 2.17 -20.86 7.44
C LYS A 128 1.58 -20.97 6.02
N PRO A 129 2.29 -21.50 5.01
CA PRO A 129 1.78 -21.55 3.64
C PRO A 129 0.37 -22.16 3.56
N GLU A 130 0.07 -23.19 4.36
CA GLU A 130 -1.23 -23.93 4.34
C GLU A 130 -2.40 -23.01 4.74
N ASP A 131 -2.13 -21.88 5.34
CA ASP A 131 -3.18 -20.88 5.74
C ASP A 131 -3.75 -20.23 4.48
N LEU A 132 -3.00 -20.25 3.37
CA LEU A 132 -3.40 -19.56 2.11
C LEU A 132 -3.59 -20.57 0.98
N ALA A 133 -4.72 -20.52 0.29
CA ALA A 133 -4.98 -21.32 -0.92
C ALA A 133 -4.59 -20.45 -2.11
N ARG A 134 -4.18 -21.05 -3.23
CA ARG A 134 -3.83 -20.33 -4.47
C ARG A 134 -4.54 -21.03 -5.64
N PRO A 135 -5.09 -20.34 -6.66
CA PRO A 135 -5.06 -18.88 -6.78
C PRO A 135 -6.12 -18.19 -5.91
N GLY A 136 -6.22 -16.86 -5.99
CA GLY A 136 -7.21 -16.10 -5.21
C GLY A 136 -7.51 -14.70 -5.73
N HIS A 137 -8.05 -13.82 -4.88
CA HIS A 137 -8.47 -12.44 -5.26
C HIS A 137 -7.62 -11.39 -4.51
N VAL A 138 -6.60 -11.77 -3.74
CA VAL A 138 -5.63 -10.84 -3.10
C VAL A 138 -4.30 -11.07 -3.82
N PHE A 139 -3.57 -10.02 -4.20
CA PHE A 139 -2.32 -10.11 -5.02
C PHE A 139 -1.13 -9.65 -4.15
N PRO A 140 -0.36 -10.56 -3.53
CA PRO A 140 0.80 -10.14 -2.75
C PRO A 140 1.93 -9.60 -3.64
N LEU A 141 2.68 -8.60 -3.17
CA LEU A 141 3.83 -8.00 -3.89
C LEU A 141 5.05 -8.05 -2.94
N ARG A 142 6.17 -8.58 -3.39
CA ARG A 142 7.43 -8.65 -2.60
C ARG A 142 8.10 -7.28 -2.67
N ALA A 143 8.29 -6.60 -1.54
CA ALA A 143 8.99 -5.29 -1.50
C ALA A 143 10.49 -5.57 -1.66
N ARG A 144 11.19 -4.75 -2.44
CA ARG A 144 12.66 -4.87 -2.63
C ARG A 144 13.34 -4.52 -1.32
N ALA A 145 14.40 -5.22 -0.94
CA ALA A 145 15.21 -4.87 0.24
C ALA A 145 15.78 -3.46 -0.02
N GLY A 146 15.70 -2.56 0.94
CA GLY A 146 16.14 -1.15 0.79
C GLY A 146 14.96 -0.23 0.54
N GLY A 147 13.80 -0.79 0.19
CA GLY A 147 12.58 -0.01 -0.04
C GLY A 147 12.73 1.05 -1.12
N VAL A 148 12.25 2.27 -0.89
CA VAL A 148 12.25 3.38 -1.89
C VAL A 148 13.70 3.76 -2.25
N LEU A 149 14.68 3.46 -1.40
CA LEU A 149 16.11 3.76 -1.64
C LEU A 149 16.70 2.70 -2.59
N ALA A 150 15.96 1.65 -2.94
CA ALA A 150 16.38 0.59 -3.90
C ALA A 150 15.44 0.60 -5.12
N ARG A 151 14.12 0.64 -4.91
CA ARG A 151 13.10 0.66 -6.00
C ARG A 151 12.05 1.73 -5.66
N ARG A 152 11.77 2.67 -6.56
CA ARG A 152 10.87 3.83 -6.31
C ARG A 152 9.43 3.45 -6.71
N GLY A 153 8.88 2.39 -6.13
CA GLY A 153 7.51 1.91 -6.44
C GLY A 153 6.59 2.02 -5.24
N HIS A 154 5.28 2.00 -5.46
CA HIS A 154 4.26 2.08 -4.39
C HIS A 154 4.44 0.87 -3.45
N THR A 155 4.92 -0.27 -3.98
CA THR A 155 5.15 -1.50 -3.18
C THR A 155 6.16 -1.14 -2.08
N GLU A 156 7.28 -0.56 -2.44
CA GLU A 156 8.36 -0.21 -1.48
C GLU A 156 7.91 0.95 -0.56
N GLY A 157 7.20 1.93 -1.11
CA GLY A 157 6.68 3.06 -0.32
C GLY A 157 5.76 2.55 0.78
N THR A 158 4.95 1.52 0.50
CA THR A 158 4.00 0.93 1.48
C THR A 158 4.82 0.35 2.65
N VAL A 159 5.79 -0.54 2.40
CA VAL A 159 6.56 -1.20 3.51
C VAL A 159 7.30 -0.12 4.29
N ASP A 160 7.93 0.83 3.60
CA ASP A 160 8.73 1.88 4.27
C ASP A 160 7.82 2.73 5.15
N LEU A 161 6.63 3.11 4.67
CA LEU A 161 5.68 3.92 5.46
C LEU A 161 5.35 3.16 6.76
N MET A 162 5.09 1.86 6.66
CA MET A 162 4.74 1.02 7.85
C MET A 162 5.93 0.95 8.81
N GLN A 163 7.13 0.68 8.31
CA GLN A 163 8.35 0.52 9.16
C GLN A 163 8.68 1.87 9.83
N MET A 164 8.58 2.97 9.10
CA MET A 164 8.90 4.34 9.61
C MET A 164 7.83 4.78 10.63
N ALA A 165 6.61 4.24 10.55
CA ALA A 165 5.48 4.59 11.47
C ALA A 165 5.52 3.65 12.69
N GLY A 166 6.41 2.66 12.70
CA GLY A 166 6.54 1.73 13.83
C GLY A 166 5.47 0.67 13.80
N LEU A 167 4.95 0.34 12.62
CA LEU A 167 3.85 -0.63 12.46
C LEU A 167 4.39 -1.91 11.83
N GLN A 168 3.60 -2.99 11.85
CA GLN A 168 3.99 -4.26 11.20
C GLN A 168 4.31 -3.95 9.74
N PRO A 169 5.35 -4.56 9.10
CA PRO A 169 5.75 -4.20 7.73
C PRO A 169 4.85 -4.87 6.68
N ALA A 170 3.55 -4.68 6.77
CA ALA A 170 2.55 -5.21 5.82
C ALA A 170 1.51 -4.11 5.57
N GLY A 171 1.26 -3.76 4.32
CA GLY A 171 0.27 -2.73 3.95
C GLY A 171 -0.47 -3.13 2.69
N VAL A 172 -1.65 -2.56 2.44
CA VAL A 172 -2.46 -2.85 1.22
C VAL A 172 -2.37 -1.59 0.33
N LEU A 173 -2.26 -1.75 -0.99
CA LEU A 173 -2.24 -0.62 -1.93
C LEU A 173 -3.16 -0.89 -3.11
N CYS A 174 -3.72 0.14 -3.74
CA CYS A 174 -4.54 0.03 -4.98
C CYS A 174 -4.47 1.40 -5.68
N GLU A 175 -4.54 1.44 -7.00
CA GLU A 175 -4.36 2.68 -7.78
C GLU A 175 -5.69 3.46 -7.80
N LEU A 176 -5.69 4.72 -7.33
CA LEU A 176 -6.90 5.59 -7.33
C LEU A 176 -7.34 5.77 -8.79
N THR A 177 -8.58 5.39 -9.11
CA THR A 177 -9.15 5.43 -10.48
C THR A 177 -10.32 6.41 -10.53
N ASN A 178 -10.39 7.29 -11.52
CA ASN A 178 -11.50 8.27 -11.69
C ASN A 178 -12.76 7.51 -12.15
N PRO A 179 -13.98 8.05 -11.91
CA PRO A 179 -15.21 7.36 -12.31
C PRO A 179 -15.26 6.94 -13.78
N ASP A 180 -14.65 7.69 -14.69
CA ASP A 180 -14.67 7.42 -16.16
C ASP A 180 -13.66 6.32 -16.53
N GLY A 181 -12.90 5.77 -15.57
CA GLY A 181 -11.95 4.66 -15.81
C GLY A 181 -10.53 5.17 -15.99
N SER A 182 -10.35 6.47 -16.22
CA SER A 182 -9.01 7.08 -16.32
C SER A 182 -8.36 6.97 -14.94
N MET A 183 -7.04 6.99 -14.86
CA MET A 183 -6.30 6.92 -13.57
C MET A 183 -6.19 8.33 -13.00
N ALA A 184 -6.41 8.48 -11.70
CA ALA A 184 -6.33 9.78 -11.00
C ALA A 184 -4.93 10.39 -11.16
N LYS A 185 -4.85 11.68 -11.44
CA LYS A 185 -3.57 12.43 -11.54
C LYS A 185 -3.52 13.37 -10.33
N THR A 186 -2.41 14.06 -10.08
CA THR A 186 -2.20 14.87 -8.85
C THR A 186 -3.46 15.67 -8.45
N PRO A 187 -4.13 16.44 -9.32
CA PRO A 187 -5.28 17.24 -8.86
C PRO A 187 -6.40 16.37 -8.28
N GLU A 188 -6.74 15.26 -8.94
CA GLU A 188 -7.84 14.36 -8.48
C GLU A 188 -7.42 13.71 -7.15
N ILE A 189 -6.14 13.35 -7.01
CA ILE A 189 -5.61 12.70 -5.77
C ILE A 189 -5.71 13.70 -4.61
N ILE A 190 -5.33 14.96 -4.85
CA ILE A 190 -5.37 16.04 -3.81
C ILE A 190 -6.82 16.21 -3.34
N GLU A 191 -7.77 16.26 -4.27
CA GLU A 191 -9.21 16.43 -3.95
C GLU A 191 -9.70 15.22 -3.14
N PHE A 192 -9.35 14.00 -3.55
CA PHE A 192 -9.78 12.74 -2.86
C PHE A 192 -9.22 12.74 -1.44
N GLY A 193 -7.97 13.16 -1.26
CA GLY A 193 -7.32 13.23 0.07
C GLY A 193 -8.03 14.23 0.97
N LYS A 194 -8.39 15.41 0.45
CA LYS A 194 -9.11 16.45 1.22
C LYS A 194 -10.46 15.87 1.64
N LEU A 195 -11.19 15.30 0.70
CA LEU A 195 -12.56 14.74 0.95
C LEU A 195 -12.50 13.62 2.00
N HIS A 196 -11.52 12.72 1.94
CA HIS A 196 -11.42 11.52 2.84
C HIS A 196 -10.38 11.72 3.94
N ASN A 197 -9.92 12.95 4.18
CA ASN A 197 -8.95 13.25 5.27
C ASN A 197 -7.78 12.26 5.18
N MET A 198 -7.16 12.14 4.01
CA MET A 198 -5.98 11.27 3.81
C MET A 198 -4.79 12.18 3.46
N PRO A 199 -3.66 12.13 4.19
CA PRO A 199 -2.48 12.91 3.78
C PRO A 199 -1.96 12.45 2.39
N VAL A 200 -1.44 13.36 1.58
CA VAL A 200 -0.86 13.06 0.23
C VAL A 200 0.66 13.28 0.31
N LEU A 201 1.46 12.34 -0.22
CA LEU A 201 2.95 12.49 -0.28
C LEU A 201 3.47 11.81 -1.54
N THR A 202 4.75 11.93 -1.84
CA THR A 202 5.40 11.34 -3.04
C THR A 202 6.50 10.36 -2.62
N ILE A 203 6.96 9.49 -3.52
CA ILE A 203 8.14 8.60 -3.24
C ILE A 203 9.35 9.55 -3.04
N GLU A 204 9.40 10.66 -3.77
CA GLU A 204 10.51 11.64 -3.67
C GLU A 204 10.57 12.17 -2.23
N ASP A 205 9.42 12.51 -1.65
CA ASP A 205 9.36 12.99 -0.24
C ASP A 205 9.96 11.92 0.68
N MET A 206 9.58 10.66 0.48
CA MET A 206 10.04 9.53 1.34
C MET A 206 11.55 9.30 1.15
N VAL A 207 12.04 9.29 -0.08
CA VAL A 207 13.49 9.03 -0.38
C VAL A 207 14.30 10.10 0.35
N GLN A 208 13.94 11.37 0.20
CA GLN A 208 14.70 12.49 0.80
C GLN A 208 14.59 12.41 2.33
N TYR A 209 13.42 12.07 2.86
CA TYR A 209 13.20 11.93 4.32
C TYR A 209 14.15 10.84 4.83
N ARG A 210 14.18 9.69 4.17
CA ARG A 210 15.01 8.53 4.61
C ARG A 210 16.50 8.88 4.52
N ILE A 211 16.93 9.58 3.48
CA ILE A 211 18.38 9.91 3.27
C ILE A 211 18.78 10.95 4.34
N GLN A 212 17.92 11.93 4.65
CA GLN A 212 18.22 13.03 5.60
C GLN A 212 18.23 12.53 7.05
N PHE A 213 17.47 11.49 7.38
CA PHE A 213 17.36 10.96 8.76
C PHE A 213 18.06 9.60 8.83
N ASP A 214 19.11 9.38 8.04
CA ASP A 214 19.89 8.11 7.99
C ASP A 214 18.94 7.00 8.42
N LEU A 215 17.80 6.84 7.74
CA LEU A 215 16.75 5.87 8.16
C LEU A 215 17.00 4.54 7.46
N LYS A 216 17.88 3.69 8.01
CA LYS A 216 18.08 2.30 7.53
C LYS A 216 16.96 1.55 8.24
N LEU A 217 16.23 0.67 7.57
CA LEU A 217 15.04 -0.02 8.16
C LEU A 217 15.35 -1.51 8.32
C11 N52 B . 0.79 -1.52 -10.91
C01 N52 B . -0.47 -2.00 -8.27
C02 N52 B . 0.60 -0.95 -8.59
C03 N52 B . 1.63 -1.12 -9.71
C04 N52 B . 2.33 -2.19 -8.89
O05 N52 B . 2.94 -1.51 -7.85
O07 N52 B . 5.01 -1.11 -9.36
O08 N52 B . 4.13 0.75 -8.01
O09 N52 B . 5.22 -1.13 -6.87
O10 N52 B . 1.74 0.22 -9.51
O12 N52 B . 1.39 -0.48 -11.62
O13 N52 B . 1.01 -2.80 -11.34
O14 N52 B . 0.64 0.03 -7.89
P06 N52 B . 4.37 -0.74 -8.05
H012 N52 B . -0.66 -2.64 -9.12
H013 N52 B . -1.39 -1.51 -7.97
H011 N52 B . -0.13 -2.62 -7.44
H041 N52 B . 3.10 -2.64 -9.51
H042 N52 B . 1.69 -2.97 -8.52
H101 N52 B . 2.50 0.55 -9.96
H121 N52 B . 1.85 -0.83 -12.37
H131 N52 B . 0.82 -3.41 -10.65
H111 N52 B . -0.25 -1.34 -10.75
C01 N4O C . -0.93 -1.26 -7.45
C02 N4O C . 0.45 -0.61 -7.52
C03 N4O C . 1.55 -1.33 -8.29
C05 N4O C . 2.33 -2.25 -7.36
O04 N4O C . 0.92 -2.13 -9.26
O06 N4O C . 3.39 -1.53 -6.80
O08 N4O C . 5.69 -0.60 -6.67
O09 N4O C . 4.11 0.62 -8.11
O10 N4O C . 4.98 -1.52 -8.90
O11 N4O C . 0.70 0.41 -7.01
P07 N4O C . 4.57 -0.75 -7.67
H012 N4O C . -1.67 -0.59 -7.02
H013 N4O C . -0.90 -2.23 -6.97
H011 N4O C . -1.20 -1.50 -8.46
H031 N4O C . 2.18 -0.61 -8.78
H052 N4O C . 1.67 -2.58 -6.58
H051 N4O C . 2.71 -3.10 -7.92
H041 N4O C . 1.58 -2.51 -9.83
C FMT D . 1.98 -0.16 -11.56
O1 FMT D . 3.08 -0.72 -11.40
O2 FMT D . 1.29 -0.66 -12.43
H FMT D . 1.53 0.49 -10.82
HO2 FMT D . 1.64 -1.43 -12.95
MN MN E . 2.28 1.67 -8.67
#